data_6PAG
#
_entry.id   6PAG
#
_cell.length_a   111.855
_cell.length_b   111.855
_cell.length_c   87.994
_cell.angle_alpha   90.00
_cell.angle_beta   90.00
_cell.angle_gamma   120.00
#
_symmetry.space_group_name_H-M   'P 64'
#
loop_
_entity.id
_entity.type
_entity.pdbx_description
1 polymer 'HLA class I histocompatibility antigen, Cw-7 alpha chain'
2 polymer Beta-2-microglobulin
3 polymer ARG-TYR-ARG-PRO-GLY-THR-VAL-ALA-LEU
4 polymer 'Killer cell immunoglobulin-like receptor 2DL3'
#
loop_
_entity_poly.entity_id
_entity_poly.type
_entity_poly.pdbx_seq_one_letter_code
_entity_poly.pdbx_strand_id
1 'polypeptide(L)'
;CSHSMRYFDTAVSRPGRGEPRFISVGYVDDTQFVRFDSDAASPRGEPRAPWVEQEGPEYWDRETQKYKRQAQADRVSLRN
LRGYYNQSEDGSHTLQRMSGCDLGPDGRLLRGYDQSAYDGKDYIALNEDLRSWTAADTAAQITQRKLEAARAAEQLRAYL
EGTCVEWLRRYLENGKETLQRAEPPKTHVTHHPLSDHEATLRCWALGFYPAEITLTWQRDGEDQTQDTELVETRPAGDGT
FQKWAAVVVPSGQEQRYTCHMQHEGLQEPLTLSWEPSS
;
A
2 'polypeptide(L)'
;MIQRTPKIQVYSRHPAENGKSNFLNCYVSGFHPSDIEVDLLKNGERIEKVEHSDLSFSKDWSFYLLYYTEFTPTEKDEYA
CRVNHVTLSQPKIVKWDRDM
;
B
3 'polypeptide(L)' RYRPGTVAL C
4 'polypeptide(L)'
;HEGVHRKPSLLAHPGPLVKSEETVILQCWSDVRFQHFLLHREGKFKDTLHLIGEHHDGVSKANFSIGPMMQDLAGTYRCY
GSVTHSPYQLSAPSDPLDIVITGLYEKPSLSAQPGPTVLAGESVTLSCSSRSSYDMYHLSREGEAHERRFSAGPKVNGTF
QADFPLGPATHGGTYRCFGSFRDSPYEWSNSSDPLLVSVTGNPS
;
D
#
# COMPACT_ATOMS: atom_id res chain seq x y z
N SER A 2 -12.32 -14.85 -17.74
CA SER A 2 -11.23 -13.94 -17.41
C SER A 2 -11.45 -13.32 -16.03
N HIS A 3 -10.45 -13.40 -15.17
CA HIS A 3 -10.58 -12.98 -13.79
C HIS A 3 -9.31 -12.27 -13.35
N SER A 4 -9.28 -11.86 -12.09
CA SER A 4 -8.19 -11.01 -11.58
C SER A 4 -8.05 -11.21 -10.08
N MET A 5 -6.82 -11.01 -9.59
CA MET A 5 -6.54 -10.89 -8.17
C MET A 5 -5.55 -9.76 -7.96
N ARG A 6 -5.92 -8.78 -7.13
CA ARG A 6 -5.11 -7.59 -6.91
C ARG A 6 -5.03 -7.29 -5.42
N TYR A 7 -3.84 -6.92 -4.99
CA TYR A 7 -3.58 -6.39 -3.66
C TYR A 7 -3.27 -4.90 -3.80
N PHE A 8 -3.96 -4.10 -2.99
CA PHE A 8 -3.80 -2.65 -2.94
C PHE A 8 -3.23 -2.28 -1.58
N ASP A 9 -2.06 -1.66 -1.58
CA ASP A 9 -1.35 -1.29 -0.36
C ASP A 9 -1.28 0.23 -0.27
N THR A 10 -1.39 0.73 0.95
CA THR A 10 -1.25 2.15 1.23
C THR A 10 -0.39 2.32 2.48
N ALA A 11 0.76 2.95 2.32
CA ALA A 11 1.62 3.31 3.45
C ALA A 11 1.69 4.83 3.54
N VAL A 12 1.28 5.38 4.68
CA VAL A 12 1.26 6.81 4.90
C VAL A 12 2.18 7.12 6.09
N SER A 13 3.16 7.98 5.87
CA SER A 13 4.05 8.39 6.95
C SER A 13 3.39 9.47 7.79
N ARG A 14 3.57 9.37 9.10
CA ARG A 14 3.05 10.35 10.06
C ARG A 14 4.16 10.66 11.04
N PRO A 15 5.08 11.56 10.64
CA PRO A 15 6.36 11.73 11.35
C PRO A 15 6.28 11.73 12.88
N GLY A 16 5.65 12.74 13.46
CA GLY A 16 5.65 12.86 14.90
C GLY A 16 4.59 12.08 15.64
N ARG A 17 3.97 11.09 14.97
CA ARG A 17 2.85 10.37 15.59
C ARG A 17 2.91 8.87 15.35
N GLY A 18 4.10 8.30 15.33
CA GLY A 18 4.27 6.86 15.27
C GLY A 18 4.76 6.38 13.91
N GLU A 19 4.89 5.06 13.81
CA GLU A 19 5.33 4.43 12.58
C GLU A 19 4.30 4.66 11.47
N PRO A 20 4.71 4.60 10.21
CA PRO A 20 3.75 4.76 9.11
C PRO A 20 2.68 3.69 9.13
N ARG A 21 1.45 4.10 8.89
CA ARG A 21 0.33 3.17 8.85
C ARG A 21 0.33 2.41 7.53
N PHE A 22 0.33 1.08 7.61
CA PHE A 22 0.34 0.22 6.45
C PHE A 22 -0.99 -0.50 6.37
N ILE A 23 -1.72 -0.28 5.28
CA ILE A 23 -3.00 -0.92 5.02
C ILE A 23 -2.90 -1.66 3.70
N SER A 24 -3.40 -2.89 3.69
CA SER A 24 -3.40 -3.72 2.48
C SER A 24 -4.73 -4.45 2.39
N VAL A 25 -5.38 -4.36 1.22
CA VAL A 25 -6.62 -5.06 0.98
C VAL A 25 -6.47 -5.91 -0.28
N GLY A 26 -7.19 -7.02 -0.31
CA GLY A 26 -7.09 -7.98 -1.41
C GLY A 26 -8.41 -8.21 -2.09
N TYR A 27 -8.38 -8.31 -3.42
CA TYR A 27 -9.57 -8.47 -4.25
C TYR A 27 -9.39 -9.61 -5.23
N VAL A 28 -10.44 -10.41 -5.38
CA VAL A 28 -10.64 -11.25 -6.56
C VAL A 28 -11.75 -10.60 -7.35
N ASP A 29 -11.40 -10.08 -8.54
CA ASP A 29 -12.30 -9.29 -9.37
C ASP A 29 -12.82 -8.13 -8.52
N ASP A 30 -14.13 -7.95 -8.37
CA ASP A 30 -14.67 -6.87 -7.56
C ASP A 30 -15.11 -7.34 -6.17
N THR A 31 -14.50 -8.41 -5.66
CA THR A 31 -14.86 -8.99 -4.38
C THR A 31 -13.64 -8.98 -3.47
N GLN A 32 -13.68 -8.17 -2.41
CA GLN A 32 -12.60 -8.20 -1.42
C GLN A 32 -12.67 -9.50 -0.63
N PHE A 33 -11.50 -10.05 -0.27
CA PHE A 33 -11.46 -11.27 0.51
C PHE A 33 -10.50 -11.22 1.69
N VAL A 34 -9.64 -10.21 1.80
CA VAL A 34 -8.62 -10.17 2.85
C VAL A 34 -8.28 -8.71 3.16
N ARG A 35 -7.75 -8.49 4.37
CA ARG A 35 -7.52 -7.14 4.87
C ARG A 35 -6.39 -7.18 5.88
N PHE A 36 -5.59 -6.12 5.93
CA PHE A 36 -4.54 -5.99 6.94
C PHE A 36 -4.40 -4.54 7.31
N ASP A 37 -4.31 -4.26 8.62
CA ASP A 37 -4.26 -2.90 9.15
C ASP A 37 -3.23 -2.89 10.28
N SER A 38 -2.14 -2.14 10.08
CA SER A 38 -1.06 -2.09 11.06
C SER A 38 -1.42 -1.25 12.30
N ASP A 39 -2.62 -0.70 12.36
CA ASP A 39 -3.07 0.04 13.52
C ASP A 39 -4.01 -0.74 14.42
N ALA A 40 -4.47 -1.91 13.98
CA ALA A 40 -5.35 -2.73 14.80
C ALA A 40 -4.65 -3.16 16.10
N ALA A 41 -5.45 -3.63 17.05
CA ALA A 41 -4.92 -4.05 18.35
C ALA A 41 -3.80 -5.06 18.20
N SER A 42 -4.09 -6.19 17.54
CA SER A 42 -3.08 -7.19 17.21
C SER A 42 -3.08 -7.37 15.70
N PRO A 43 -2.15 -6.72 14.99
CA PRO A 43 -2.23 -6.69 13.51
C PRO A 43 -2.14 -8.08 12.91
N ARG A 44 -3.21 -8.48 12.22
CA ARG A 44 -3.32 -9.81 11.65
C ARG A 44 -4.17 -9.76 10.39
N GLY A 45 -3.71 -10.46 9.35
CA GLY A 45 -4.48 -10.57 8.13
C GLY A 45 -5.81 -11.27 8.36
N GLU A 46 -6.90 -10.57 8.12
CA GLU A 46 -8.23 -11.10 8.41
C GLU A 46 -8.97 -11.44 7.12
N PRO A 47 -9.87 -12.43 7.18
CA PRO A 47 -10.69 -12.75 6.01
C PRO A 47 -11.88 -11.82 5.88
N ARG A 48 -12.26 -11.56 4.62
CA ARG A 48 -13.39 -10.70 4.32
C ARG A 48 -14.38 -11.34 3.35
N ALA A 49 -14.12 -12.56 2.88
CA ALA A 49 -15.01 -13.32 2.04
C ALA A 49 -15.00 -14.75 2.55
N PRO A 50 -16.16 -15.41 2.62
CA PRO A 50 -16.23 -16.74 3.24
C PRO A 50 -15.38 -17.81 2.55
N TRP A 51 -15.02 -17.64 1.28
CA TRP A 51 -14.24 -18.66 0.59
C TRP A 51 -12.74 -18.60 0.92
N VAL A 52 -12.35 -17.82 1.91
CA VAL A 52 -11.02 -17.87 2.49
C VAL A 52 -11.04 -18.12 3.99
N GLU A 53 -12.23 -18.27 4.59
CA GLU A 53 -12.31 -18.49 6.03
C GLU A 53 -11.90 -19.92 6.40
N GLN A 54 -12.09 -20.87 5.50
CA GLN A 54 -11.79 -22.27 5.74
C GLN A 54 -10.33 -22.63 5.45
N GLU A 55 -9.51 -21.66 5.10
CA GLU A 55 -8.07 -21.90 5.00
C GLU A 55 -7.49 -22.01 6.41
N GLY A 56 -6.52 -22.89 6.57
CA GLY A 56 -5.98 -23.20 7.87
C GLY A 56 -5.35 -22.02 8.57
N PRO A 57 -5.17 -22.14 9.89
CA PRO A 57 -4.46 -21.09 10.62
C PRO A 57 -3.03 -20.94 10.15
N GLU A 58 -2.43 -22.02 9.64
CA GLU A 58 -1.10 -21.95 9.05
C GLU A 58 -1.07 -21.02 7.84
N TYR A 59 -2.19 -20.90 7.13
CA TYR A 59 -2.30 -19.95 6.03
C TYR A 59 -2.28 -18.51 6.53
N TRP A 60 -3.15 -18.20 7.50
CA TRP A 60 -3.28 -16.83 7.98
C TRP A 60 -2.05 -16.36 8.74
N ASP A 61 -1.36 -17.27 9.44
CA ASP A 61 -0.11 -16.89 10.10
C ASP A 61 0.94 -16.48 9.08
N ARG A 62 1.09 -17.25 8.02
CA ARG A 62 2.04 -16.92 6.96
C ARG A 62 1.70 -15.57 6.33
N GLU A 63 0.43 -15.39 5.94
CA GLU A 63 0.03 -14.12 5.35
C GLU A 63 0.31 -12.96 6.29
N THR A 64 0.04 -13.14 7.59
CA THR A 64 0.30 -12.08 8.55
C THR A 64 1.79 -11.75 8.63
N GLN A 65 2.65 -12.77 8.63
CA GLN A 65 4.08 -12.50 8.65
C GLN A 65 4.50 -11.68 7.43
N LYS A 66 4.01 -12.07 6.24
CA LYS A 66 4.29 -11.27 5.05
C LYS A 66 3.83 -9.83 5.24
N TYR A 67 2.65 -9.63 5.84
CA TYR A 67 2.12 -8.28 5.97
C TYR A 67 2.96 -7.43 6.93
N LYS A 68 3.35 -7.99 8.07
CA LYS A 68 4.18 -7.24 9.00
C LYS A 68 5.52 -6.86 8.36
N ARG A 69 6.17 -7.83 7.72
CA ARG A 69 7.43 -7.51 7.04
C ARG A 69 7.23 -6.43 6.00
N GLN A 70 6.11 -6.48 5.25
CA GLN A 70 5.87 -5.45 4.25
C GLN A 70 5.67 -4.08 4.89
N ALA A 71 5.02 -4.03 6.06
CA ALA A 71 4.89 -2.78 6.78
C ALA A 71 6.25 -2.20 7.11
N GLN A 72 7.17 -3.04 7.60
N GLN A 72 7.16 -3.04 7.63
CA GLN A 72 8.51 -2.54 7.90
CA GLN A 72 8.53 -2.59 7.90
C GLN A 72 9.22 -2.06 6.65
C GLN A 72 9.19 -2.05 6.65
N ALA A 73 9.18 -2.86 5.58
CA ALA A 73 9.89 -2.49 4.35
C ALA A 73 9.31 -1.23 3.72
N ASP A 74 8.02 -0.96 3.91
CA ASP A 74 7.43 0.27 3.37
C ASP A 74 7.70 1.47 4.25
N ARG A 75 7.85 1.26 5.55
CA ARG A 75 8.43 2.31 6.39
C ARG A 75 9.81 2.69 5.89
N VAL A 76 10.66 1.69 5.65
CA VAL A 76 11.99 1.99 5.14
C VAL A 76 11.91 2.68 3.78
N SER A 77 11.00 2.22 2.91
CA SER A 77 10.90 2.81 1.57
C SER A 77 10.45 4.26 1.62
N LEU A 78 9.46 4.56 2.46
CA LEU A 78 9.05 5.95 2.66
C LEU A 78 10.23 6.81 3.10
N ARG A 79 11.02 6.31 4.05
CA ARG A 79 12.22 7.04 4.44
C ARG A 79 13.16 7.28 3.26
N ASN A 80 13.44 6.23 2.49
CA ASN A 80 14.38 6.35 1.38
C ASN A 80 13.89 7.34 0.32
N LEU A 81 12.58 7.37 0.08
CA LEU A 81 12.03 8.28 -0.93
C LEU A 81 12.01 9.71 -0.43
N ARG A 82 11.74 9.90 0.87
CA ARG A 82 11.94 11.22 1.46
C ARG A 82 13.37 11.69 1.24
N GLY A 83 14.34 10.77 1.34
CA GLY A 83 15.71 11.14 1.05
C GLY A 83 15.95 11.45 -0.41
N TYR A 84 15.41 10.61 -1.31
CA TYR A 84 15.72 10.73 -2.73
C TYR A 84 15.28 12.08 -3.29
N TYR A 85 14.12 12.57 -2.86
CA TYR A 85 13.58 13.83 -3.35
C TYR A 85 14.02 15.03 -2.52
N ASN A 86 14.90 14.82 -1.54
CA ASN A 86 15.38 15.88 -0.66
C ASN A 86 14.22 16.63 -0.02
N GLN A 87 13.32 15.87 0.59
CA GLN A 87 12.12 16.40 1.21
C GLN A 87 12.27 16.42 2.72
N SER A 88 11.55 17.33 3.35
CA SER A 88 11.65 17.50 4.80
C SER A 88 11.19 16.24 5.54
N GLU A 89 11.69 16.10 6.77
CA GLU A 89 11.29 15.00 7.64
C GLU A 89 10.02 15.29 8.42
N ASP A 90 9.31 16.38 8.08
CA ASP A 90 8.12 16.80 8.79
C ASP A 90 6.85 16.69 7.97
N GLY A 91 6.95 16.31 6.68
CA GLY A 91 5.77 16.14 5.88
C GLY A 91 5.25 14.71 5.88
N SER A 92 3.96 14.58 5.60
CA SER A 92 3.33 13.29 5.44
C SER A 92 3.33 12.91 3.96
N HIS A 93 3.73 11.68 3.66
CA HIS A 93 3.83 11.21 2.29
C HIS A 93 3.21 9.84 2.16
N THR A 94 2.78 9.50 0.95
CA THR A 94 2.03 8.28 0.68
C THR A 94 2.79 7.39 -0.29
N LEU A 95 2.79 6.09 -0.02
CA LEU A 95 3.37 5.09 -0.92
C LEU A 95 2.30 4.02 -1.17
N GLN A 96 1.98 3.80 -2.44
CA GLN A 96 0.93 2.88 -2.83
C GLN A 96 1.51 1.80 -3.73
N ARG A 97 0.90 0.61 -3.68
CA ARG A 97 1.32 -0.53 -4.47
C ARG A 97 0.11 -1.30 -4.97
N MET A 98 0.19 -1.75 -6.22
CA MET A 98 -0.76 -2.70 -6.79
C MET A 98 0.03 -3.92 -7.24
N SER A 99 -0.35 -5.09 -6.73
CA SER A 99 0.33 -6.32 -7.13
C SER A 99 -0.69 -7.41 -7.37
N GLY A 100 -0.37 -8.34 -8.23
CA GLY A 100 -1.26 -9.47 -8.42
C GLY A 100 -1.31 -9.91 -9.87
N CYS A 101 -2.26 -10.79 -10.17
CA CYS A 101 -2.26 -11.50 -11.44
C CYS A 101 -3.62 -11.44 -12.12
N ASP A 102 -3.57 -11.26 -13.45
CA ASP A 102 -4.72 -11.28 -14.33
C ASP A 102 -4.75 -12.60 -15.09
N LEU A 103 -5.88 -13.28 -15.02
CA LEU A 103 -6.09 -14.61 -15.60
C LEU A 103 -6.95 -14.47 -16.85
N GLY A 104 -6.43 -14.93 -17.98
CA GLY A 104 -7.22 -14.96 -19.20
C GLY A 104 -8.40 -15.91 -19.10
N PRO A 105 -9.24 -15.89 -20.13
CA PRO A 105 -10.38 -16.84 -20.16
C PRO A 105 -9.96 -18.30 -20.11
N ASP A 106 -8.72 -18.60 -20.47
CA ASP A 106 -8.18 -19.95 -20.46
C ASP A 106 -7.56 -20.33 -19.12
N GLY A 107 -7.51 -19.40 -18.16
CA GLY A 107 -6.88 -19.66 -16.89
C GLY A 107 -5.37 -19.44 -16.87
N ARG A 108 -4.73 -19.27 -18.02
CA ARG A 108 -3.30 -19.01 -18.02
C ARG A 108 -3.02 -17.56 -17.67
N LEU A 109 -1.82 -17.31 -17.17
CA LEU A 109 -1.44 -15.97 -16.76
C LEU A 109 -1.58 -14.97 -17.90
N LEU A 110 -2.49 -14.02 -17.76
CA LEU A 110 -2.57 -12.93 -18.72
C LEU A 110 -1.58 -11.83 -18.37
N ARG A 111 -1.51 -11.42 -17.11
CA ARG A 111 -0.62 -10.30 -16.80
C ARG A 111 -0.23 -10.29 -15.32
N GLY A 112 1.06 -10.15 -15.06
CA GLY A 112 1.56 -9.99 -13.70
C GLY A 112 1.86 -8.51 -13.42
N TYR A 113 1.43 -8.05 -12.25
CA TYR A 113 1.56 -6.64 -11.86
C TYR A 113 2.29 -6.50 -10.54
N ASP A 114 3.24 -5.56 -10.50
CA ASP A 114 3.76 -5.02 -9.25
C ASP A 114 4.19 -3.59 -9.54
N GLN A 115 3.32 -2.63 -9.27
CA GLN A 115 3.59 -1.23 -9.54
C GLN A 115 3.42 -0.40 -8.27
N SER A 116 4.11 0.74 -8.23
CA SER A 116 4.21 1.55 -7.02
C SER A 116 4.13 3.02 -7.39
N ALA A 117 3.33 3.76 -6.62
CA ALA A 117 3.17 5.20 -6.77
C ALA A 117 3.62 5.92 -5.50
N TYR A 118 4.19 7.10 -5.68
CA TYR A 118 4.64 7.93 -4.57
C TYR A 118 3.86 9.23 -4.60
N ASP A 119 3.11 9.51 -3.53
CA ASP A 119 2.24 10.68 -3.44
C ASP A 119 1.28 10.76 -4.62
N GLY A 120 0.70 9.61 -4.98
CA GLY A 120 -0.27 9.53 -6.05
C GLY A 120 0.29 9.60 -7.44
N LYS A 121 1.60 9.74 -7.59
CA LYS A 121 2.27 9.80 -8.89
C LYS A 121 3.00 8.48 -9.13
N ASP A 122 2.92 7.99 -10.36
CA ASP A 122 3.60 6.76 -10.73
C ASP A 122 5.07 6.84 -10.34
N TYR A 123 5.56 5.80 -9.68
CA TYR A 123 6.94 5.77 -9.22
C TYR A 123 7.74 4.69 -9.95
N ILE A 124 7.45 3.41 -9.75
CA ILE A 124 8.19 2.37 -10.45
C ILE A 124 7.27 1.18 -10.69
N ALA A 125 7.42 0.55 -11.85
CA ALA A 125 6.50 -0.51 -12.24
C ALA A 125 7.26 -1.68 -12.84
N LEU A 126 6.91 -2.88 -12.40
CA LEU A 126 7.41 -4.09 -13.05
C LEU A 126 6.80 -4.19 -14.45
N ASN A 127 7.64 -4.47 -15.44
CA ASN A 127 7.16 -4.56 -16.81
C ASN A 127 6.53 -5.93 -17.07
N GLU A 128 5.79 -6.01 -18.18
CA GLU A 128 4.98 -7.19 -18.47
C GLU A 128 5.84 -8.43 -18.70
N ASP A 129 7.10 -8.26 -19.11
CA ASP A 129 7.96 -9.42 -19.27
C ASP A 129 8.42 -9.99 -17.93
N LEU A 130 8.09 -9.32 -16.82
CA LEU A 130 8.44 -9.77 -15.47
C LEU A 130 9.94 -9.92 -15.29
N ARG A 131 10.71 -9.15 -16.06
CA ARG A 131 12.17 -9.15 -16.00
C ARG A 131 12.79 -7.77 -15.90
N SER A 132 12.06 -6.71 -16.25
CA SER A 132 12.61 -5.37 -16.24
C SER A 132 11.66 -4.44 -15.47
N TRP A 133 12.13 -3.23 -15.23
CA TRP A 133 11.35 -2.20 -14.55
C TRP A 133 11.20 -0.97 -15.43
N THR A 134 10.24 -0.13 -15.07
CA THR A 134 10.05 1.18 -15.68
C THR A 134 9.98 2.19 -14.55
N ALA A 135 10.95 3.10 -14.52
CA ALA A 135 11.06 4.12 -13.49
C ALA A 135 10.61 5.46 -14.04
N ALA A 136 9.80 6.19 -13.26
CA ALA A 136 9.18 7.41 -13.75
C ALA A 136 10.09 8.63 -13.69
N ASP A 137 11.06 8.67 -12.77
CA ASP A 137 11.99 9.80 -12.70
C ASP A 137 13.34 9.29 -12.25
N THR A 138 14.25 10.23 -11.97
CA THR A 138 15.63 9.90 -11.65
C THR A 138 15.82 9.39 -10.23
N ALA A 139 14.89 9.68 -9.32
CA ALA A 139 14.93 9.03 -8.02
C ALA A 139 14.52 7.57 -8.12
N ALA A 140 13.55 7.28 -8.97
CA ALA A 140 13.12 5.90 -9.18
C ALA A 140 14.16 5.07 -9.90
N GLN A 141 15.12 5.70 -10.58
CA GLN A 141 16.22 4.94 -11.17
C GLN A 141 17.11 4.33 -10.08
N ILE A 142 17.29 5.03 -8.97
CA ILE A 142 18.02 4.47 -7.83
C ILE A 142 17.31 3.22 -7.33
N THR A 143 16.01 3.34 -7.08
CA THR A 143 15.22 2.18 -6.68
C THR A 143 15.32 1.07 -7.70
N GLN A 144 15.41 1.41 -8.99
CA GLN A 144 15.56 0.40 -10.03
C GLN A 144 16.90 -0.33 -9.89
N ARG A 145 17.97 0.40 -9.60
CA ARG A 145 19.27 -0.24 -9.44
C ARG A 145 19.29 -1.16 -8.23
N LYS A 146 18.72 -0.71 -7.11
CA LYS A 146 18.67 -1.58 -5.93
C LYS A 146 17.81 -2.82 -6.19
N LEU A 147 16.66 -2.62 -6.84
CA LEU A 147 15.78 -3.74 -7.18
C LEU A 147 16.50 -4.76 -8.05
N GLU A 148 17.23 -4.28 -9.07
CA GLU A 148 17.98 -5.18 -9.93
C GLU A 148 19.04 -5.94 -9.15
N ALA A 149 19.87 -5.21 -8.40
CA ALA A 149 20.94 -5.86 -7.63
C ALA A 149 20.39 -6.85 -6.59
N ALA A 150 19.14 -6.69 -6.19
CA ALA A 150 18.54 -7.59 -5.21
C ALA A 150 17.78 -8.76 -5.84
N ARG A 151 17.77 -8.86 -7.17
CA ARG A 151 17.02 -9.90 -7.89
C ARG A 151 15.54 -9.89 -7.48
N ALA A 152 14.95 -8.70 -7.43
CA ALA A 152 13.55 -8.60 -7.02
C ALA A 152 12.61 -9.11 -8.10
N ALA A 153 12.93 -8.85 -9.37
CA ALA A 153 12.09 -9.29 -10.47
C ALA A 153 12.03 -10.80 -10.61
N GLU A 154 12.99 -11.52 -10.06
CA GLU A 154 12.94 -12.98 -10.11
C GLU A 154 11.95 -13.53 -9.09
N GLN A 155 12.07 -13.10 -7.83
CA GLN A 155 11.11 -13.51 -6.81
C GLN A 155 9.69 -13.08 -7.19
N LEU A 156 9.54 -11.87 -7.72
CA LEU A 156 8.22 -11.42 -8.13
C LEU A 156 7.71 -12.19 -9.33
N ARG A 157 8.58 -12.42 -10.33
CA ARG A 157 8.19 -13.20 -11.49
C ARG A 157 7.73 -14.61 -11.09
N ALA A 158 8.38 -15.19 -10.09
CA ALA A 158 8.00 -16.53 -9.66
C ALA A 158 6.70 -16.52 -8.85
N TYR A 159 6.52 -15.53 -7.98
CA TYR A 159 5.25 -15.40 -7.28
C TYR A 159 4.10 -15.24 -8.28
N LEU A 160 4.26 -14.35 -9.24
CA LEU A 160 3.19 -14.04 -10.18
C LEU A 160 2.90 -15.21 -11.11
N GLU A 161 3.94 -15.82 -11.68
CA GLU A 161 3.70 -16.94 -12.59
C GLU A 161 3.24 -18.20 -11.86
N GLY A 162 3.55 -18.35 -10.58
CA GLY A 162 3.24 -19.57 -9.86
C GLY A 162 2.18 -19.42 -8.80
N THR A 163 2.60 -18.97 -7.60
CA THR A 163 1.69 -18.92 -6.45
C THR A 163 0.45 -18.10 -6.73
N CYS A 164 0.62 -16.94 -7.39
CA CYS A 164 -0.52 -16.04 -7.62
C CYS A 164 -1.60 -16.72 -8.46
N VAL A 165 -1.21 -17.27 -9.61
CA VAL A 165 -2.18 -17.88 -10.53
C VAL A 165 -2.83 -19.11 -9.90
N GLU A 166 -2.04 -19.94 -9.23
CA GLU A 166 -2.57 -21.13 -8.58
C GLU A 166 -3.62 -20.75 -7.55
N TRP A 167 -3.26 -19.89 -6.60
CA TRP A 167 -4.19 -19.56 -5.53
C TRP A 167 -5.38 -18.76 -6.03
N LEU A 168 -5.22 -18.02 -7.13
CA LEU A 168 -6.38 -17.38 -7.74
C LEU A 168 -7.33 -18.43 -8.33
N ARG A 169 -6.78 -19.46 -8.98
CA ARG A 169 -7.61 -20.55 -9.46
C ARG A 169 -8.36 -21.22 -8.30
N ARG A 170 -7.68 -21.44 -7.18
CA ARG A 170 -8.32 -22.06 -6.03
C ARG A 170 -9.41 -21.17 -5.44
N TYR A 171 -9.12 -19.89 -5.27
CA TYR A 171 -10.15 -18.95 -4.80
C TYR A 171 -11.35 -18.97 -5.74
N LEU A 172 -11.11 -19.02 -7.04
CA LEU A 172 -12.19 -18.98 -8.00
C LEU A 172 -13.05 -20.23 -7.92
N GLU A 173 -12.44 -21.39 -7.70
CA GLU A 173 -13.23 -22.60 -7.57
C GLU A 173 -13.99 -22.66 -6.25
N ASN A 174 -13.32 -22.32 -5.14
CA ASN A 174 -13.95 -22.43 -3.83
C ASN A 174 -15.09 -21.44 -3.63
N GLY A 175 -15.14 -20.38 -4.44
CA GLY A 175 -16.26 -19.46 -4.42
C GLY A 175 -16.88 -19.34 -5.79
N LYS A 176 -16.94 -20.47 -6.51
CA LYS A 176 -17.44 -20.48 -7.87
C LYS A 176 -18.79 -19.81 -8.00
N GLU A 177 -19.66 -19.97 -7.00
CA GLU A 177 -21.00 -19.42 -7.12
C GLU A 177 -20.98 -17.90 -7.05
N THR A 178 -20.57 -17.33 -5.92
CA THR A 178 -20.56 -15.87 -5.80
C THR A 178 -19.66 -15.22 -6.83
N LEU A 179 -18.49 -15.82 -7.11
CA LEU A 179 -17.50 -15.16 -7.94
C LEU A 179 -17.81 -15.29 -9.43
N GLN A 180 -18.17 -16.49 -9.89
CA GLN A 180 -18.42 -16.73 -11.30
C GLN A 180 -19.90 -16.65 -11.67
N ARG A 181 -20.69 -15.94 -10.88
CA ARG A 181 -22.12 -15.76 -11.16
C ARG A 181 -22.33 -14.48 -11.95
N ALA A 182 -23.40 -14.48 -12.76
CA ALA A 182 -23.69 -13.34 -13.62
C ALA A 182 -24.19 -12.15 -12.83
N GLU A 183 -25.32 -12.30 -12.14
CA GLU A 183 -25.95 -11.28 -11.29
C GLU A 183 -26.44 -9.92 -11.76
N PRO A 184 -27.37 -9.88 -12.71
CA PRO A 184 -27.68 -8.68 -13.49
C PRO A 184 -28.31 -7.62 -12.61
N PRO A 185 -28.40 -6.38 -13.11
CA PRO A 185 -28.96 -5.29 -12.29
C PRO A 185 -30.47 -5.21 -12.36
N LYS A 186 -31.07 -4.91 -11.21
CA LYS A 186 -32.48 -4.54 -11.17
C LYS A 186 -32.63 -3.07 -11.57
N THR A 187 -33.65 -2.78 -12.38
CA THR A 187 -33.75 -1.49 -13.06
C THR A 187 -35.12 -0.86 -12.84
N HIS A 188 -35.19 0.44 -13.11
CA HIS A 188 -36.41 1.23 -13.18
C HIS A 188 -36.01 2.65 -13.55
N VAL A 189 -37.02 3.45 -13.91
CA VAL A 189 -36.82 4.84 -14.32
C VAL A 189 -37.72 5.73 -13.47
N THR A 190 -37.14 6.78 -12.90
CA THR A 190 -37.87 7.72 -12.07
C THR A 190 -37.95 9.08 -12.76
N HIS A 191 -39.03 9.80 -12.46
CA HIS A 191 -39.30 11.11 -13.05
C HIS A 191 -39.37 12.14 -11.94
N HIS A 192 -38.73 13.28 -12.15
CA HIS A 192 -38.67 14.30 -11.11
C HIS A 192 -38.89 15.69 -11.71
N PRO A 193 -39.90 16.42 -11.27
CA PRO A 193 -40.15 17.75 -11.84
C PRO A 193 -39.04 18.71 -11.44
N LEU A 194 -38.42 19.32 -12.45
CA LEU A 194 -37.31 20.25 -12.22
C LEU A 194 -37.82 21.69 -12.11
N SER A 195 -38.54 22.15 -13.11
CA SER A 195 -39.13 23.49 -13.10
C SER A 195 -40.13 23.57 -14.24
N ASP A 196 -40.77 24.73 -14.37
CA ASP A 196 -41.62 24.97 -15.53
C ASP A 196 -40.82 24.77 -16.80
N HIS A 197 -41.24 23.78 -17.60
CA HIS A 197 -40.71 23.35 -18.90
C HIS A 197 -39.51 22.42 -18.76
N GLU A 198 -39.14 21.97 -17.56
CA GLU A 198 -38.02 21.05 -17.40
C GLU A 198 -38.32 20.03 -16.31
N ALA A 199 -37.80 18.81 -16.50
CA ALA A 199 -37.93 17.74 -15.53
C ALA A 199 -36.83 16.72 -15.80
N THR A 200 -36.43 15.99 -14.76
CA THR A 200 -35.30 15.09 -14.85
C THR A 200 -35.76 13.64 -14.93
N LEU A 201 -35.17 12.88 -15.85
CA LEU A 201 -35.35 11.44 -15.91
C LEU A 201 -34.08 10.78 -15.37
N ARG A 202 -34.24 9.96 -14.33
CA ARG A 202 -33.13 9.23 -13.73
C ARG A 202 -33.34 7.73 -13.96
N CYS A 203 -32.33 7.09 -14.54
CA CYS A 203 -32.34 5.67 -14.88
C CYS A 203 -31.45 4.93 -13.89
N TRP A 204 -32.02 3.94 -13.20
CA TRP A 204 -31.38 3.25 -12.09
C TRP A 204 -30.98 1.84 -12.50
N ALA A 205 -29.77 1.45 -12.12
CA ALA A 205 -29.30 0.07 -12.16
C ALA A 205 -28.80 -0.27 -10.77
N LEU A 206 -29.40 -1.27 -10.14
CA LEU A 206 -29.13 -1.59 -8.75
C LEU A 206 -28.81 -3.07 -8.60
N GLY A 207 -28.00 -3.37 -7.58
CA GLY A 207 -27.77 -4.75 -7.17
C GLY A 207 -27.08 -5.65 -8.18
N PHE A 208 -26.09 -5.15 -8.91
CA PHE A 208 -25.41 -5.94 -9.93
C PHE A 208 -23.97 -6.21 -9.56
N TYR A 209 -23.47 -7.33 -10.07
CA TYR A 209 -22.08 -7.72 -9.99
C TYR A 209 -21.72 -8.34 -11.34
N PRO A 210 -20.50 -8.12 -11.85
CA PRO A 210 -19.46 -7.22 -11.35
C PRO A 210 -19.79 -5.75 -11.59
N ALA A 211 -18.81 -4.88 -11.37
CA ALA A 211 -19.06 -3.44 -11.40
C ALA A 211 -19.11 -2.87 -12.81
N GLU A 212 -18.51 -3.54 -13.79
CA GLU A 212 -18.52 -3.04 -15.16
C GLU A 212 -19.94 -3.01 -15.69
N ILE A 213 -20.39 -1.83 -16.11
CA ILE A 213 -21.74 -1.66 -16.62
C ILE A 213 -21.75 -0.38 -17.46
N THR A 214 -22.67 -0.29 -18.40
CA THR A 214 -22.85 0.95 -19.16
C THR A 214 -24.33 1.25 -19.31
N LEU A 215 -24.74 2.44 -18.87
CA LEU A 215 -26.07 2.97 -19.16
C LEU A 215 -25.94 4.28 -19.92
N THR A 216 -26.78 4.45 -20.94
CA THR A 216 -26.78 5.63 -21.78
C THR A 216 -28.22 6.04 -22.04
N TRP A 217 -28.47 7.34 -21.97
CA TRP A 217 -29.77 7.89 -22.33
C TRP A 217 -29.79 8.22 -23.82
N GLN A 218 -30.90 7.89 -24.47
CA GLN A 218 -31.08 8.18 -25.88
C GLN A 218 -32.49 8.70 -26.13
N ARG A 219 -32.59 9.94 -26.60
CA ARG A 219 -33.86 10.54 -27.01
C ARG A 219 -34.20 10.01 -28.40
N ASP A 220 -35.05 8.99 -28.45
CA ASP A 220 -35.39 8.43 -29.72
C ASP A 220 -33.91 8.06 -29.81
N GLY A 221 -33.27 8.45 -30.91
CA GLY A 221 -32.00 7.96 -31.42
C GLY A 221 -30.78 8.69 -30.87
N GLU A 222 -30.90 9.97 -30.55
CA GLU A 222 -29.72 10.75 -30.18
C GLU A 222 -29.14 10.30 -28.86
N ASP A 223 -27.82 10.25 -28.82
CA ASP A 223 -27.06 9.77 -27.66
C ASP A 223 -26.65 10.98 -26.83
N GLN A 224 -27.43 11.26 -25.78
CA GLN A 224 -27.20 12.44 -24.93
C GLN A 224 -26.15 12.21 -23.85
N THR A 225 -25.10 11.42 -24.12
CA THR A 225 -24.01 11.30 -23.15
C THR A 225 -23.30 12.64 -23.00
N GLN A 226 -23.19 13.41 -24.07
CA GLN A 226 -22.68 14.77 -23.97
C GLN A 226 -23.55 15.66 -23.10
N ASP A 227 -24.72 15.17 -22.68
CA ASP A 227 -25.61 15.89 -21.78
C ASP A 227 -26.10 15.02 -20.62
N THR A 228 -25.72 13.74 -20.57
CA THR A 228 -26.17 12.85 -19.51
C THR A 228 -25.34 13.07 -18.25
N GLU A 229 -26.01 13.09 -17.11
CA GLU A 229 -25.33 13.09 -15.82
C GLU A 229 -25.14 11.65 -15.38
N LEU A 230 -23.89 11.23 -15.26
CA LEU A 230 -23.54 9.87 -14.93
C LEU A 230 -22.71 9.87 -13.65
N VAL A 231 -23.26 9.30 -12.58
CA VAL A 231 -22.48 9.12 -11.35
C VAL A 231 -21.54 7.94 -11.51
N GLU A 232 -20.44 7.96 -10.76
CA GLU A 232 -19.54 6.81 -10.76
C GLU A 232 -20.20 5.65 -10.01
N THR A 233 -19.78 4.44 -10.37
CA THR A 233 -20.38 3.24 -9.80
C THR A 233 -20.07 3.16 -8.30
N ARG A 234 -21.18 3.02 -7.45
CA ARG A 234 -21.20 2.96 -5.99
C ARG A 234 -21.29 1.50 -5.52
N PRO A 235 -20.68 1.20 -4.37
CA PRO A 235 -20.98 -0.06 -3.69
C PRO A 235 -22.29 0.06 -2.93
N ALA A 236 -23.19 -0.90 -3.15
CA ALA A 236 -24.43 -0.91 -2.38
C ALA A 236 -24.18 -1.26 -0.92
N GLY A 237 -23.05 -1.88 -0.61
CA GLY A 237 -22.69 -2.23 0.75
C GLY A 237 -22.66 -3.72 1.03
N ASP A 238 -23.17 -4.55 0.14
CA ASP A 238 -23.26 -5.98 0.36
C ASP A 238 -22.49 -6.76 -0.69
N GLY A 239 -21.47 -6.14 -1.29
CA GLY A 239 -20.71 -6.75 -2.36
C GLY A 239 -21.26 -6.53 -3.75
N THR A 240 -22.39 -5.85 -3.88
CA THR A 240 -22.99 -5.53 -5.17
C THR A 240 -22.91 -4.02 -5.40
N PHE A 241 -23.26 -3.60 -6.62
CA PHE A 241 -22.97 -2.24 -7.06
C PHE A 241 -24.23 -1.56 -7.61
N GLN A 242 -24.16 -0.24 -7.68
CA GLN A 242 -25.27 0.61 -8.13
C GLN A 242 -24.74 1.69 -9.07
N LYS A 243 -25.66 2.24 -9.87
CA LYS A 243 -25.33 3.33 -10.78
C LYS A 243 -26.62 3.92 -11.32
N TRP A 244 -26.61 5.22 -11.60
CA TRP A 244 -27.73 5.84 -12.31
C TRP A 244 -27.24 6.88 -13.29
N ALA A 245 -28.13 7.23 -14.23
CA ALA A 245 -27.85 8.22 -15.26
C ALA A 245 -29.05 9.15 -15.40
N ALA A 246 -28.82 10.46 -15.36
CA ALA A 246 -29.91 11.43 -15.41
C ALA A 246 -29.80 12.31 -16.63
N VAL A 247 -30.95 12.69 -17.19
CA VAL A 247 -31.02 13.65 -18.27
C VAL A 247 -32.11 14.65 -17.95
N VAL A 248 -31.83 15.93 -18.20
CA VAL A 248 -32.82 16.99 -18.06
C VAL A 248 -33.54 17.12 -19.40
N VAL A 249 -34.88 17.09 -19.33
CA VAL A 249 -35.71 17.00 -20.52
C VAL A 249 -36.84 18.04 -20.40
N PRO A 250 -37.50 18.36 -21.50
CA PRO A 250 -38.67 19.24 -21.42
C PRO A 250 -39.89 18.48 -20.90
N SER A 251 -40.64 19.13 -20.01
CA SER A 251 -41.82 18.49 -19.43
C SER A 251 -42.80 18.09 -20.51
N GLY A 252 -43.34 16.88 -20.38
CA GLY A 252 -44.28 16.36 -21.36
C GLY A 252 -43.64 15.83 -22.64
N GLN A 253 -42.33 15.63 -22.67
CA GLN A 253 -41.63 15.11 -23.84
C GLN A 253 -40.72 13.94 -23.50
N GLU A 254 -41.05 13.18 -22.45
CA GLU A 254 -40.12 12.19 -21.94
C GLU A 254 -40.22 10.87 -22.70
N GLN A 255 -41.38 10.58 -23.28
CA GLN A 255 -41.57 9.33 -24.01
C GLN A 255 -40.56 9.17 -25.13
N ARG A 256 -39.94 10.26 -25.58
CA ARG A 256 -38.89 10.18 -26.57
C ARG A 256 -37.61 9.57 -26.02
N TYR A 257 -37.52 9.34 -24.72
CA TYR A 257 -36.28 8.98 -24.06
C TYR A 257 -36.29 7.51 -23.65
N THR A 258 -35.15 6.85 -23.84
CA THR A 258 -34.96 5.46 -23.46
C THR A 258 -33.59 5.30 -22.82
N CYS A 259 -33.50 4.36 -21.88
CA CYS A 259 -32.26 4.05 -21.18
C CYS A 259 -31.76 2.70 -21.67
N HIS A 260 -30.52 2.68 -22.15
CA HIS A 260 -29.90 1.51 -22.76
C HIS A 260 -28.75 1.05 -21.86
N MET A 261 -28.79 -0.21 -21.47
CA MET A 261 -28.02 -0.71 -20.33
C MET A 261 -27.39 -2.04 -20.72
N GLN A 262 -26.07 -2.06 -20.86
CA GLN A 262 -25.33 -3.29 -21.14
C GLN A 262 -24.54 -3.69 -19.91
N HIS A 263 -24.61 -4.98 -19.56
CA HIS A 263 -23.94 -5.54 -18.40
C HIS A 263 -23.63 -7.01 -18.67
N GLU A 264 -22.72 -7.56 -17.86
CA GLU A 264 -22.30 -8.95 -18.03
C GLU A 264 -23.45 -9.91 -17.79
N GLY A 265 -24.21 -9.71 -16.70
CA GLY A 265 -25.28 -10.61 -16.32
C GLY A 265 -26.49 -10.59 -17.23
N LEU A 266 -26.35 -9.97 -18.40
CA LEU A 266 -27.42 -9.91 -19.39
C LEU A 266 -26.85 -10.27 -20.76
N GLN A 267 -27.75 -10.62 -21.67
CA GLN A 267 -27.40 -10.88 -23.06
C GLN A 267 -27.93 -9.72 -23.95
N GLU A 268 -29.24 -9.61 -24.05
CA GLU A 268 -29.84 -8.48 -24.74
C GLU A 268 -29.59 -7.22 -23.92
N PRO A 269 -28.91 -6.21 -24.47
CA PRO A 269 -28.80 -4.93 -23.74
C PRO A 269 -30.18 -4.33 -23.52
N LEU A 270 -30.46 -3.96 -22.28
CA LEU A 270 -31.80 -3.55 -21.90
C LEU A 270 -32.12 -2.16 -22.40
N THR A 271 -33.40 -1.93 -22.70
CA THR A 271 -33.93 -0.64 -23.12
C THR A 271 -35.21 -0.41 -22.35
N LEU A 272 -35.22 0.58 -21.47
CA LEU A 272 -36.38 0.83 -20.63
C LEU A 272 -36.71 2.32 -20.64
N SER A 273 -37.99 2.63 -20.47
CA SER A 273 -38.48 4.00 -20.51
C SER A 273 -39.25 4.33 -19.23
N TRP A 274 -39.41 5.62 -18.98
CA TRP A 274 -40.22 6.06 -17.85
C TRP A 274 -41.66 5.64 -18.08
N GLU A 275 -42.17 4.79 -17.20
CA GLU A 275 -43.54 4.30 -17.28
C GLU A 275 -44.31 4.73 -16.04
N PRO A 276 -45.20 5.72 -16.14
CA PRO A 276 -46.12 5.98 -15.04
C PRO A 276 -47.14 4.85 -14.95
N SER A 277 -47.50 4.52 -13.71
CA SER A 277 -48.44 3.43 -13.44
C SER A 277 -49.84 4.02 -13.36
N SER A 278 -50.73 3.57 -14.24
CA SER A 278 -52.11 4.02 -14.25
C SER A 278 -52.97 3.10 -15.11
N MET B 1 3.90 16.42 -5.31
CA MET B 1 2.69 16.22 -4.50
C MET B 1 1.45 16.58 -5.30
N ILE B 2 0.59 15.60 -5.53
CA ILE B 2 -0.68 15.80 -6.23
C ILE B 2 -1.81 15.71 -5.21
N GLN B 3 -2.86 16.49 -5.44
CA GLN B 3 -4.02 16.51 -4.56
C GLN B 3 -5.30 16.47 -5.40
N ARG B 4 -6.23 15.61 -5.00
CA ARG B 4 -7.50 15.45 -5.69
C ARG B 4 -8.65 15.66 -4.70
N THR B 5 -9.69 16.31 -5.16
CA THR B 5 -10.79 16.50 -4.23
C THR B 5 -11.76 15.32 -4.29
N PRO B 6 -12.38 14.98 -3.17
CA PRO B 6 -13.30 13.83 -3.15
C PRO B 6 -14.60 14.12 -3.87
N LYS B 7 -15.15 13.07 -4.50
CA LYS B 7 -16.52 13.04 -4.95
C LYS B 7 -17.34 12.25 -3.94
N ILE B 8 -18.54 12.75 -3.65
CA ILE B 8 -19.34 12.31 -2.52
C ILE B 8 -20.71 11.88 -3.03
N GLN B 9 -21.23 10.77 -2.50
CA GLN B 9 -22.55 10.28 -2.88
C GLN B 9 -23.27 9.77 -1.64
N VAL B 10 -24.42 10.36 -1.33
CA VAL B 10 -25.26 9.93 -0.22
C VAL B 10 -26.46 9.19 -0.79
N TYR B 11 -26.67 7.95 -0.32
CA TYR B 11 -27.69 7.08 -0.91
C TYR B 11 -27.95 5.92 0.03
N SER B 12 -29.11 5.29 -0.13
CA SER B 12 -29.44 4.10 0.64
C SER B 12 -29.19 2.85 -0.20
N ARG B 13 -28.93 1.74 0.50
CA ARG B 13 -28.63 0.47 -0.20
C ARG B 13 -29.76 0.06 -1.11
N HIS B 14 -31.00 0.26 -0.69
CA HIS B 14 -32.18 -0.08 -1.45
C HIS B 14 -33.12 1.12 -1.48
N PRO B 15 -34.05 1.14 -2.43
CA PRO B 15 -35.06 2.20 -2.43
C PRO B 15 -35.80 2.26 -1.10
N ALA B 16 -35.93 3.47 -0.56
CA ALA B 16 -36.49 3.66 0.78
C ALA B 16 -37.97 3.34 0.80
N GLU B 17 -38.36 2.40 1.67
CA GLU B 17 -39.75 2.16 2.00
C GLU B 17 -39.94 2.55 3.46
N ASN B 18 -40.89 3.45 3.72
CA ASN B 18 -41.10 3.96 5.07
C ASN B 18 -41.34 2.82 6.05
N GLY B 19 -40.67 2.89 7.20
CA GLY B 19 -40.76 1.85 8.21
C GLY B 19 -39.90 0.63 7.96
N LYS B 20 -39.37 0.45 6.76
CA LYS B 20 -38.53 -0.69 6.44
C LYS B 20 -37.07 -0.35 6.73
N SER B 21 -36.29 -1.39 7.03
CA SER B 21 -34.89 -1.22 7.39
C SER B 21 -34.02 -1.11 6.14
N ASN B 22 -32.90 -0.39 6.29
CA ASN B 22 -32.06 -0.02 5.16
C ASN B 22 -30.70 0.41 5.70
N PHE B 23 -29.77 0.64 4.78
CA PHE B 23 -28.44 1.15 5.11
C PHE B 23 -28.26 2.52 4.48
N LEU B 24 -27.83 3.48 5.30
CA LEU B 24 -27.42 4.78 4.80
C LEU B 24 -25.94 4.74 4.45
N ASN B 25 -25.61 5.21 3.25
CA ASN B 25 -24.29 5.10 2.65
C ASN B 25 -23.81 6.46 2.18
N CYS B 26 -22.54 6.74 2.47
CA CYS B 26 -21.81 7.88 1.92
C CYS B 26 -20.55 7.32 1.27
N TYR B 27 -20.45 7.50 -0.04
CA TYR B 27 -19.35 6.97 -0.83
C TYR B 27 -18.45 8.13 -1.24
N VAL B 28 -17.19 8.10 -0.81
CA VAL B 28 -16.21 9.11 -1.15
C VAL B 28 -15.16 8.47 -2.04
N SER B 29 -14.84 9.12 -3.16
CA SER B 29 -13.93 8.50 -4.11
C SER B 29 -13.14 9.57 -4.84
N GLY B 30 -12.04 9.14 -5.45
CA GLY B 30 -11.25 10.02 -6.29
C GLY B 30 -10.43 11.06 -5.56
N PHE B 31 -10.06 10.83 -4.30
CA PHE B 31 -9.34 11.83 -3.53
C PHE B 31 -7.93 11.37 -3.21
N HIS B 32 -7.09 12.36 -2.87
CA HIS B 32 -5.69 12.17 -2.53
C HIS B 32 -5.20 13.41 -1.81
N PRO B 33 -4.54 13.26 -0.65
CA PRO B 33 -4.17 12.02 0.03
C PRO B 33 -5.34 11.34 0.73
N SER B 34 -5.06 10.28 1.49
CA SER B 34 -6.10 9.41 2.02
C SER B 34 -6.73 9.94 3.30
N ASP B 35 -6.09 10.89 3.99
CA ASP B 35 -6.69 11.51 5.16
C ASP B 35 -8.01 12.17 4.77
N ILE B 36 -9.10 11.73 5.40
CA ILE B 36 -10.42 12.27 5.10
C ILE B 36 -11.30 12.11 6.34
N GLU B 37 -12.16 13.10 6.56
CA GLU B 37 -13.09 13.11 7.69
C GLU B 37 -14.51 13.03 7.15
N VAL B 38 -15.22 11.96 7.47
CA VAL B 38 -16.57 11.72 6.97
C VAL B 38 -17.47 11.40 8.15
N ASP B 39 -18.55 12.16 8.30
CA ASP B 39 -19.54 11.89 9.32
C ASP B 39 -20.93 11.85 8.70
N LEU B 40 -21.83 11.09 9.32
CA LEU B 40 -23.22 11.04 8.92
C LEU B 40 -24.08 11.81 9.92
N LEU B 41 -25.17 12.39 9.42
CA LEU B 41 -25.96 13.35 10.18
C LEU B 41 -27.42 12.95 10.17
N LYS B 42 -28.01 12.82 11.36
CA LYS B 42 -29.45 12.69 11.55
C LYS B 42 -29.92 13.98 12.22
N ASN B 43 -30.71 14.78 11.49
CA ASN B 43 -31.18 16.08 11.95
C ASN B 43 -30.04 17.06 12.08
N GLY B 44 -29.08 16.99 11.17
CA GLY B 44 -27.83 17.70 11.34
C GLY B 44 -27.02 17.29 12.56
N GLU B 45 -27.48 16.32 13.35
CA GLU B 45 -26.71 15.83 14.49
C GLU B 45 -25.91 14.62 14.07
N ARG B 46 -24.70 14.51 14.60
CA ARG B 46 -23.81 13.41 14.23
C ARG B 46 -24.38 12.07 14.68
N ILE B 47 -23.83 11.01 14.10
CA ILE B 47 -24.30 9.66 14.32
C ILE B 47 -23.17 8.83 14.89
N GLU B 48 -23.46 8.06 15.95
CA GLU B 48 -22.45 7.28 16.65
C GLU B 48 -21.90 6.13 15.82
N LYS B 49 -22.70 5.09 15.62
CA LYS B 49 -22.23 3.84 15.02
C LYS B 49 -22.16 3.99 13.51
N VAL B 50 -21.02 4.49 13.03
CA VAL B 50 -20.76 4.64 11.60
C VAL B 50 -19.52 3.85 11.26
N GLU B 51 -19.69 2.75 10.52
CA GLU B 51 -18.59 1.92 10.07
C GLU B 51 -18.12 2.38 8.69
N HIS B 52 -16.92 1.97 8.32
CA HIS B 52 -16.37 2.31 7.02
C HIS B 52 -15.57 1.14 6.47
N SER B 53 -15.51 1.07 5.14
CA SER B 53 -14.75 0.04 4.47
C SER B 53 -13.25 0.23 4.70
N ASP B 54 -12.49 -0.76 4.28
CA ASP B 54 -11.03 -0.68 4.38
C ASP B 54 -10.47 0.16 3.24
N LEU B 55 -9.51 1.02 3.55
CA LEU B 55 -8.97 1.96 2.58
C LEU B 55 -8.39 1.23 1.38
N SER B 56 -9.00 1.45 0.21
CA SER B 56 -8.51 0.95 -1.06
C SER B 56 -8.49 2.10 -2.04
N PHE B 57 -7.91 1.86 -3.21
CA PHE B 57 -7.78 2.91 -4.20
C PHE B 57 -8.02 2.36 -5.60
N SER B 58 -8.14 3.28 -6.57
CA SER B 58 -8.43 2.94 -7.95
C SER B 58 -7.14 2.85 -8.76
N LYS B 59 -7.28 2.46 -10.03
CA LYS B 59 -6.12 2.29 -10.90
C LYS B 59 -5.39 3.59 -11.20
N ASP B 60 -6.06 4.73 -11.07
CA ASP B 60 -5.39 6.02 -11.19
C ASP B 60 -4.80 6.50 -9.86
N TRP B 61 -4.80 5.63 -8.85
CA TRP B 61 -4.23 5.78 -7.51
C TRP B 61 -5.11 6.60 -6.56
N SER B 62 -6.31 7.02 -6.96
CA SER B 62 -7.17 7.76 -6.06
C SER B 62 -7.91 6.82 -5.12
N PHE B 63 -8.13 7.28 -3.89
CA PHE B 63 -8.71 6.47 -2.84
C PHE B 63 -10.24 6.53 -2.87
N TYR B 64 -10.86 5.49 -2.31
CA TYR B 64 -12.30 5.47 -2.12
C TYR B 64 -12.63 4.77 -0.81
N LEU B 65 -13.77 5.13 -0.25
CA LEU B 65 -14.25 4.60 1.02
C LEU B 65 -15.77 4.66 1.04
N LEU B 66 -16.36 3.71 1.74
CA LEU B 66 -17.80 3.66 1.98
C LEU B 66 -18.05 3.74 3.47
N TYR B 67 -18.61 4.86 3.91
CA TYR B 67 -19.11 5.00 5.28
C TYR B 67 -20.58 4.68 5.30
N TYR B 68 -21.03 3.90 6.28
CA TYR B 68 -22.40 3.43 6.25
C TYR B 68 -22.91 3.27 7.68
N THR B 69 -24.23 3.11 7.80
CA THR B 69 -24.88 2.91 9.08
C THR B 69 -26.25 2.27 8.83
N GLU B 70 -26.75 1.58 9.84
CA GLU B 70 -28.11 1.08 9.79
C GLU B 70 -29.09 2.21 10.04
N PHE B 71 -30.23 2.18 9.36
CA PHE B 71 -31.30 3.14 9.66
C PHE B 71 -32.61 2.63 9.07
N THR B 72 -33.70 3.23 9.52
CA THR B 72 -35.03 2.96 9.00
C THR B 72 -35.66 4.30 8.63
N PRO B 73 -35.82 4.59 7.35
CA PRO B 73 -36.19 5.96 6.95
C PRO B 73 -37.63 6.30 7.30
N THR B 74 -37.87 7.60 7.40
CA THR B 74 -39.18 8.16 7.70
C THR B 74 -39.48 9.24 6.67
N GLU B 75 -40.76 9.56 6.52
CA GLU B 75 -41.15 10.67 5.66
C GLU B 75 -40.48 11.97 6.09
N LYS B 76 -40.49 12.26 7.39
CA LYS B 76 -39.98 13.51 7.92
C LYS B 76 -38.55 13.42 8.43
N ASP B 77 -37.95 12.23 8.42
CA ASP B 77 -36.56 12.11 8.83
C ASP B 77 -35.63 12.53 7.71
N GLU B 78 -34.48 13.06 8.10
CA GLU B 78 -33.52 13.69 7.21
C GLU B 78 -32.13 13.19 7.56
N TYR B 79 -31.28 13.10 6.54
CA TYR B 79 -29.94 12.54 6.72
C TYR B 79 -28.99 13.25 5.77
N ALA B 80 -27.75 13.43 6.23
CA ALA B 80 -26.73 14.08 5.41
C ALA B 80 -25.39 13.44 5.66
N CYS B 81 -24.41 13.82 4.85
CA CYS B 81 -23.02 13.40 5.00
C CYS B 81 -22.16 14.65 4.97
N ARG B 82 -21.27 14.78 5.94
CA ARG B 82 -20.29 15.85 5.95
C ARG B 82 -18.90 15.28 5.67
N VAL B 83 -18.19 15.93 4.75
CA VAL B 83 -16.86 15.50 4.34
C VAL B 83 -15.90 16.69 4.45
N ASN B 84 -14.80 16.48 5.17
CA ASN B 84 -13.70 17.44 5.24
C ASN B 84 -12.43 16.77 4.74
N HIS B 85 -11.63 17.54 4.01
CA HIS B 85 -10.43 17.08 3.33
C HIS B 85 -9.54 18.28 3.08
N VAL B 86 -8.23 18.04 2.99
CA VAL B 86 -7.29 19.14 2.80
C VAL B 86 -7.60 19.94 1.54
N THR B 87 -8.14 19.28 0.52
CA THR B 87 -8.55 19.97 -0.71
C THR B 87 -9.70 20.94 -0.50
N LEU B 88 -10.34 20.92 0.67
CA LEU B 88 -11.52 21.74 0.94
C LEU B 88 -11.22 22.73 2.04
N SER B 89 -11.72 23.97 1.86
CA SER B 89 -11.53 25.02 2.85
C SER B 89 -12.55 24.96 3.97
N GLN B 90 -13.69 24.32 3.74
CA GLN B 90 -14.73 24.12 4.70
C GLN B 90 -15.43 22.84 4.30
N PRO B 91 -15.89 22.04 5.25
CA PRO B 91 -16.48 20.75 4.90
C PRO B 91 -17.72 20.90 4.03
N LYS B 92 -17.90 19.93 3.14
CA LYS B 92 -19.10 19.86 2.30
C LYS B 92 -20.18 19.08 3.01
N ILE B 93 -21.40 19.62 2.96
CA ILE B 93 -22.61 18.91 3.38
C ILE B 93 -23.32 18.44 2.13
N VAL B 94 -23.67 17.15 2.10
CA VAL B 94 -24.44 16.57 1.00
C VAL B 94 -25.62 15.82 1.62
N LYS B 95 -26.83 16.29 1.39
CA LYS B 95 -28.01 15.70 2.00
C LYS B 95 -28.47 14.48 1.24
N TRP B 96 -29.15 13.58 1.95
CA TRP B 96 -29.64 12.34 1.36
C TRP B 96 -30.97 12.60 0.68
N ASP B 97 -30.94 12.70 -0.65
CA ASP B 97 -32.15 12.75 -1.46
C ASP B 97 -32.46 11.32 -1.91
N ARG B 98 -33.54 10.75 -1.38
CA ARG B 98 -33.89 9.36 -1.69
C ARG B 98 -34.17 9.14 -3.16
N ASP B 99 -34.23 10.19 -3.97
CA ASP B 99 -34.29 10.08 -5.42
C ASP B 99 -32.92 10.10 -6.07
N MET B 100 -31.85 10.10 -5.28
CA MET B 100 -30.50 10.03 -5.81
C MET B 100 -29.66 9.03 -5.02
N ARG C 1 -3.37 -14.91 -1.57
CA ARG C 1 -1.96 -15.10 -1.24
C ARG C 1 -1.14 -13.87 -1.58
N TYR C 2 -0.62 -13.21 -0.55
CA TYR C 2 0.13 -11.98 -0.74
C TYR C 2 1.51 -12.27 -1.32
N ARG C 3 2.08 -11.27 -1.98
CA ARG C 3 3.39 -11.40 -2.60
C ARG C 3 4.48 -11.55 -1.53
N PRO C 4 5.65 -12.07 -1.91
CA PRO C 4 6.73 -12.27 -0.93
C PRO C 4 7.58 -11.03 -0.74
N GLY C 5 8.35 -11.04 0.34
CA GLY C 5 9.08 -9.86 0.74
C GLY C 5 10.17 -9.46 -0.25
N THR C 6 10.38 -8.16 -0.35
CA THR C 6 11.37 -7.58 -1.25
C THR C 6 12.14 -6.51 -0.48
N VAL C 7 13.36 -6.21 -0.95
CA VAL C 7 14.12 -5.13 -0.36
C VAL C 7 13.37 -3.82 -0.54
N ALA C 8 13.65 -2.85 0.33
CA ALA C 8 12.96 -1.57 0.27
C ALA C 8 13.34 -0.83 -1.00
N LEU C 9 12.56 0.22 -1.28
CA LEU C 9 12.75 0.99 -2.51
C LEU C 9 13.85 2.03 -2.33
N HIS D 5 30.87 9.63 34.49
CA HIS D 5 31.17 10.65 33.51
C HIS D 5 32.47 10.30 32.76
N ARG D 6 32.63 9.02 32.47
CA ARG D 6 33.78 8.52 31.72
C ARG D 6 33.28 7.63 30.61
N LYS D 7 33.71 7.90 29.37
CA LYS D 7 33.14 7.22 28.22
C LYS D 7 33.38 5.71 28.33
N PRO D 8 32.40 4.89 27.98
CA PRO D 8 32.56 3.44 28.13
C PRO D 8 33.03 2.79 26.85
N SER D 9 33.12 1.46 26.85
CA SER D 9 33.46 0.69 25.67
C SER D 9 32.19 0.13 25.05
N LEU D 10 32.08 0.26 23.74
CA LEU D 10 30.99 -0.31 22.94
C LEU D 10 31.61 -1.30 21.96
N LEU D 11 31.26 -2.59 22.12
CA LEU D 11 31.83 -3.66 21.33
C LEU D 11 30.72 -4.48 20.70
N ALA D 12 30.87 -4.80 19.42
CA ALA D 12 29.87 -5.56 18.69
C ALA D 12 30.26 -7.03 18.74
N HIS D 13 29.39 -7.85 19.34
CA HIS D 13 29.57 -9.29 19.32
C HIS D 13 28.51 -9.92 18.42
N PRO D 14 28.94 -10.86 17.57
CA PRO D 14 30.35 -11.25 17.45
C PRO D 14 31.12 -10.43 16.41
N GLY D 15 30.66 -9.21 16.15
CA GLY D 15 31.26 -8.37 15.14
C GLY D 15 30.31 -7.26 14.70
N PRO D 16 30.84 -6.31 13.93
CA PRO D 16 30.02 -5.13 13.57
C PRO D 16 29.15 -5.35 12.35
N LEU D 17 29.44 -6.38 11.57
CA LEU D 17 28.76 -6.62 10.30
C LEU D 17 27.77 -7.77 10.49
N VAL D 18 26.48 -7.46 10.45
CA VAL D 18 25.43 -8.40 10.77
C VAL D 18 24.71 -8.83 9.49
N LYS D 19 24.28 -10.08 9.46
CA LYS D 19 23.43 -10.58 8.38
C LYS D 19 21.96 -10.44 8.78
N SER D 20 21.11 -10.34 7.78
CA SER D 20 19.69 -10.10 8.02
C SER D 20 19.09 -11.18 8.92
N GLU D 21 18.14 -10.76 9.76
CA GLU D 21 17.41 -11.62 10.70
C GLU D 21 18.28 -12.12 11.85
N GLU D 22 19.59 -11.93 11.76
CA GLU D 22 20.52 -12.44 12.77
C GLU D 22 20.63 -11.42 13.90
N THR D 23 20.16 -11.80 15.09
CA THR D 23 20.26 -10.94 16.26
C THR D 23 21.71 -10.75 16.67
N VAL D 24 22.10 -9.49 16.91
CA VAL D 24 23.48 -9.15 17.23
C VAL D 24 23.48 -8.35 18.53
N ILE D 25 24.59 -8.42 19.26
CA ILE D 25 24.64 -7.90 20.62
C ILE D 25 25.67 -6.78 20.70
N LEU D 26 25.27 -5.67 21.33
CA LEU D 26 26.15 -4.52 21.56
C LEU D 26 26.46 -4.44 23.05
N GLN D 27 27.74 -4.53 23.39
CA GLN D 27 28.19 -4.57 24.77
C GLN D 27 28.75 -3.21 25.15
N CYS D 28 28.17 -2.60 26.18
CA CYS D 28 28.68 -1.32 26.67
C CYS D 28 29.03 -1.45 28.15
N TRP D 29 30.26 -1.09 28.49
CA TRP D 29 30.73 -1.37 29.83
C TRP D 29 31.87 -0.44 30.19
N SER D 30 32.08 -0.28 31.50
CA SER D 30 33.21 0.49 32.01
C SER D 30 33.36 0.19 33.49
N ASP D 31 34.57 0.35 34.01
CA ASP D 31 34.77 0.19 35.44
C ASP D 31 34.06 1.26 36.26
N VAL D 32 33.51 2.28 35.60
CA VAL D 32 32.66 3.25 36.25
C VAL D 32 31.26 2.64 36.42
N ARG D 33 30.69 2.84 37.60
CA ARG D 33 29.52 2.08 38.06
C ARG D 33 28.24 2.88 37.83
N PHE D 34 27.96 3.20 36.57
CA PHE D 34 26.62 3.73 36.26
C PHE D 34 25.60 2.61 36.40
N GLN D 35 24.43 2.96 36.92
CA GLN D 35 23.31 2.03 37.02
C GLN D 35 22.35 2.19 35.84
N HIS D 36 22.76 2.89 34.79
CA HIS D 36 21.93 3.12 33.61
C HIS D 36 22.82 3.18 32.37
N PHE D 37 22.32 2.63 31.27
CA PHE D 37 23.04 2.61 30.00
C PHE D 37 22.09 3.02 28.88
N LEU D 38 22.49 4.00 28.09
CA LEU D 38 21.69 4.49 26.96
C LEU D 38 22.46 4.29 25.67
N LEU D 39 21.85 3.57 24.72
CA LEU D 39 22.45 3.31 23.42
C LEU D 39 21.74 4.15 22.37
N HIS D 40 22.52 4.83 21.52
CA HIS D 40 21.99 5.77 20.54
C HIS D 40 22.48 5.40 19.15
N ARG D 41 21.54 5.20 18.23
CA ARG D 41 21.83 4.96 16.83
C ARG D 41 21.48 6.20 16.03
N GLU D 42 22.44 6.69 15.26
CA GLU D 42 22.27 7.78 14.32
C GLU D 42 22.35 7.22 12.91
N GLY D 43 21.47 7.70 12.04
CA GLY D 43 21.48 7.30 10.63
C GLY D 43 20.11 7.36 9.99
N LYS D 44 19.75 6.27 9.29
CA LYS D 44 18.45 6.19 8.63
C LYS D 44 17.31 6.38 9.62
N PHE D 45 17.40 5.73 10.78
CA PHE D 45 16.36 5.77 11.80
C PHE D 45 17.04 5.98 13.15
N LYS D 46 17.09 7.23 13.61
CA LYS D 46 17.66 7.52 14.92
C LYS D 46 16.86 6.80 16.01
N ASP D 47 17.56 6.33 17.03
CA ASP D 47 16.86 5.67 18.13
C ASP D 47 17.73 5.66 19.37
N THR D 48 17.09 5.41 20.51
CA THR D 48 17.77 5.34 21.80
C THR D 48 17.12 4.25 22.63
N LEU D 49 17.96 3.37 23.18
CA LEU D 49 17.55 2.23 23.99
C LEU D 49 18.10 2.38 25.40
N HIS D 50 17.37 1.84 26.36
CA HIS D 50 17.74 1.93 27.77
C HIS D 50 17.90 0.52 28.32
N LEU D 51 19.12 0.17 28.72
CA LEU D 51 19.32 -0.99 29.58
C LEU D 51 19.74 -0.51 30.95
N ILE D 52 19.35 -1.27 31.97
CA ILE D 52 19.78 -0.97 33.33
C ILE D 52 21.15 -1.60 33.54
N GLY D 53 21.90 -1.04 34.49
CA GLY D 53 23.30 -1.41 34.64
C GLY D 53 23.49 -2.77 35.28
N GLU D 54 24.52 -3.48 34.82
CA GLU D 54 24.94 -4.72 35.45
C GLU D 54 26.33 -4.54 36.05
N HIS D 55 26.59 -5.24 37.16
CA HIS D 55 27.85 -5.11 37.88
C HIS D 55 28.47 -6.49 38.02
N HIS D 56 29.72 -6.62 37.56
CA HIS D 56 30.42 -7.90 37.60
C HIS D 56 31.92 -7.63 37.62
N ASP D 57 32.60 -8.16 38.64
CA ASP D 57 34.06 -8.13 38.73
C ASP D 57 34.61 -6.70 38.61
N GLY D 58 33.85 -5.72 39.08
CA GLY D 58 34.29 -4.34 39.03
C GLY D 58 34.00 -3.61 37.73
N VAL D 59 33.20 -4.18 36.84
CA VAL D 59 32.79 -3.51 35.61
C VAL D 59 31.28 -3.48 35.54
N SER D 60 30.73 -2.32 35.16
CA SER D 60 29.32 -2.21 34.83
C SER D 60 29.16 -2.45 33.34
N LYS D 61 28.41 -3.50 33.00
CA LYS D 61 28.20 -3.88 31.61
C LYS D 61 26.72 -3.87 31.30
N ALA D 62 26.44 -3.90 29.99
CA ALA D 62 25.09 -3.76 29.46
C ALA D 62 25.07 -4.43 28.09
N ASN D 63 24.24 -5.46 27.96
CA ASN D 63 24.15 -6.25 26.73
C ASN D 63 22.87 -5.85 26.00
N PHE D 64 23.03 -5.02 24.97
CA PHE D 64 21.93 -4.56 24.13
C PHE D 64 21.70 -5.58 23.01
N SER D 65 20.67 -6.40 23.16
CA SER D 65 20.23 -7.27 22.09
C SER D 65 19.47 -6.45 21.06
N ILE D 66 20.04 -6.29 19.86
CA ILE D 66 19.30 -5.73 18.75
C ILE D 66 18.94 -6.90 17.84
N GLY D 67 17.64 -7.07 17.62
CA GLY D 67 17.07 -8.35 17.25
C GLY D 67 17.22 -8.70 15.78
N PRO D 68 16.14 -9.24 15.19
CA PRO D 68 16.18 -9.61 13.77
C PRO D 68 16.69 -8.47 12.90
N MET D 69 17.95 -8.58 12.50
CA MET D 69 18.66 -7.48 11.86
C MET D 69 17.97 -7.02 10.58
N MET D 70 17.37 -5.84 10.61
CA MET D 70 16.69 -5.25 9.47
C MET D 70 17.49 -4.07 8.94
N GLN D 71 16.98 -3.46 7.87
CA GLN D 71 17.61 -2.27 7.32
C GLN D 71 17.54 -1.10 8.29
N ASP D 72 16.42 -0.97 9.01
CA ASP D 72 16.22 0.16 9.90
C ASP D 72 17.13 0.11 11.12
N LEU D 73 17.90 -0.97 11.28
CA LEU D 73 18.76 -1.16 12.44
C LEU D 73 20.23 -0.92 12.14
N ALA D 74 20.58 -0.65 10.89
CA ALA D 74 21.94 -0.24 10.57
C ALA D 74 22.14 1.22 10.93
N GLY D 75 23.40 1.58 11.18
CA GLY D 75 23.73 2.96 11.48
C GLY D 75 24.99 3.04 12.32
N THR D 76 25.19 4.22 12.90
CA THR D 76 26.35 4.49 13.74
C THR D 76 25.89 4.59 15.19
N TYR D 77 26.51 3.78 16.05
CA TYR D 77 26.07 3.65 17.43
C TYR D 77 27.08 4.27 18.38
N ARG D 78 26.56 4.91 19.42
CA ARG D 78 27.33 5.31 20.59
C ARG D 78 26.53 4.93 21.82
N CYS D 79 27.19 4.83 22.97
CA CYS D 79 26.45 4.59 24.20
C CYS D 79 27.01 5.45 25.31
N TYR D 80 26.14 5.75 26.26
CA TYR D 80 26.40 6.68 27.34
C TYR D 80 26.12 5.96 28.64
N GLY D 81 27.05 6.06 29.58
CA GLY D 81 26.93 5.40 30.87
C GLY D 81 25.82 5.98 31.72
N SER D 86 20.67 8.57 39.62
CA SER D 86 21.17 9.39 38.52
C SER D 86 20.75 8.86 37.15
N PRO D 87 19.46 8.97 36.82
CA PRO D 87 19.05 8.67 35.44
C PRO D 87 19.45 9.76 34.46
N TYR D 88 19.51 11.00 34.91
CA TYR D 88 19.71 12.15 34.03
C TYR D 88 21.17 12.30 33.62
N GLN D 89 22.10 12.13 34.56
CA GLN D 89 23.51 12.37 34.27
C GLN D 89 24.07 11.22 33.45
N LEU D 90 24.58 11.53 32.26
CA LEU D 90 25.17 10.54 31.39
C LEU D 90 26.62 10.90 31.08
N SER D 91 27.35 9.91 30.58
CA SER D 91 28.78 10.02 30.38
C SER D 91 29.10 10.70 29.05
N ALA D 92 30.38 10.77 28.74
CA ALA D 92 30.80 11.12 27.40
C ALA D 92 30.47 9.97 26.45
N PRO D 93 30.09 10.25 25.21
CA PRO D 93 29.74 9.18 24.28
C PRO D 93 30.93 8.27 24.03
N SER D 94 30.65 6.97 23.92
CA SER D 94 31.68 6.01 23.55
C SER D 94 32.20 6.31 22.15
N ASP D 95 33.29 5.65 21.78
CA ASP D 95 33.76 5.72 20.41
C ASP D 95 32.67 5.16 19.49
N PRO D 96 32.54 5.72 18.29
CA PRO D 96 31.44 5.31 17.41
C PRO D 96 31.67 3.93 16.81
N LEU D 97 30.57 3.20 16.64
CA LEU D 97 30.61 1.85 16.08
C LEU D 97 29.66 1.79 14.88
N ASP D 98 30.25 1.68 13.69
CA ASP D 98 29.46 1.55 12.46
C ASP D 98 28.98 0.12 12.34
N ILE D 99 27.67 -0.07 12.52
CA ILE D 99 27.03 -1.39 12.44
C ILE D 99 26.23 -1.46 11.16
N VAL D 100 26.61 -2.38 10.29
CA VAL D 100 26.01 -2.53 8.98
C VAL D 100 25.25 -3.84 8.91
N ILE D 101 24.22 -3.86 8.05
CA ILE D 101 23.52 -5.08 7.71
C ILE D 101 24.03 -5.56 6.37
N THR D 102 24.25 -6.88 6.26
CA THR D 102 24.71 -7.47 5.02
C THR D 102 23.76 -8.59 4.61
N GLY D 103 23.62 -8.78 3.30
CA GLY D 103 22.75 -9.83 2.82
C GLY D 103 21.59 -9.34 1.98
N LEU D 104 21.79 -8.22 1.27
CA LEU D 104 20.68 -7.59 0.55
C LEU D 104 20.79 -7.68 -0.97
N TYR D 105 21.99 -7.80 -1.51
CA TYR D 105 22.17 -7.78 -2.96
C TYR D 105 23.05 -8.93 -3.44
N GLU D 106 23.42 -8.94 -4.72
CA GLU D 106 24.22 -10.04 -5.24
C GLU D 106 25.69 -9.80 -4.91
N LYS D 107 26.39 -10.87 -4.57
CA LYS D 107 27.77 -10.72 -4.15
C LYS D 107 28.68 -10.53 -5.35
N PRO D 108 29.74 -9.72 -5.20
CA PRO D 108 30.64 -9.45 -6.33
C PRO D 108 31.74 -10.49 -6.49
N SER D 109 32.56 -10.31 -7.52
CA SER D 109 33.62 -11.26 -7.87
C SER D 109 34.97 -10.58 -7.77
N LEU D 110 35.95 -11.29 -7.19
CA LEU D 110 37.26 -10.70 -6.86
C LEU D 110 38.33 -11.25 -7.79
N SER D 111 38.72 -10.45 -8.78
CA SER D 111 39.88 -10.73 -9.60
C SER D 111 41.11 -10.02 -9.05
N ALA D 112 42.29 -10.47 -9.48
CA ALA D 112 43.53 -9.90 -8.98
C ALA D 112 44.57 -9.89 -10.09
N GLN D 113 45.47 -8.91 -10.02
CA GLN D 113 46.50 -8.77 -11.02
C GLN D 113 47.83 -8.33 -10.40
N PRO D 114 48.83 -9.21 -10.45
CA PRO D 114 48.72 -10.55 -11.06
C PRO D 114 48.49 -11.68 -10.05
N GLY D 115 48.97 -11.49 -8.82
CA GLY D 115 49.07 -12.57 -7.85
C GLY D 115 47.76 -13.01 -7.24
N PRO D 116 47.72 -14.27 -6.82
CA PRO D 116 46.54 -14.78 -6.09
C PRO D 116 46.76 -14.90 -4.59
N THR D 117 48.02 -14.97 -4.17
CA THR D 117 48.40 -15.03 -2.76
C THR D 117 49.89 -14.75 -2.59
N THR D 125 46.79 -5.31 -6.37
CA THR D 125 45.80 -4.73 -7.28
C THR D 125 44.59 -5.63 -7.41
N LEU D 126 43.76 -5.62 -6.37
CA LEU D 126 42.57 -6.46 -6.33
C LEU D 126 41.47 -5.83 -7.19
N SER D 127 40.28 -6.42 -7.14
CA SER D 127 39.11 -5.92 -7.86
C SER D 127 37.88 -6.72 -7.41
N CYS D 128 36.77 -6.02 -7.18
CA CYS D 128 35.47 -6.63 -6.91
C CYS D 128 34.50 -6.24 -8.01
N SER D 129 33.91 -7.22 -8.69
CA SER D 129 33.14 -6.94 -9.88
C SER D 129 31.71 -7.45 -9.78
N SER D 130 30.79 -6.63 -10.30
CA SER D 130 29.44 -7.07 -10.66
C SER D 130 28.88 -6.04 -11.63
N ARG D 131 27.91 -6.48 -12.44
CA ARG D 131 27.25 -5.57 -13.37
C ARG D 131 26.07 -4.85 -12.72
N SER D 132 25.70 -5.24 -11.51
CA SER D 132 24.84 -4.39 -10.69
C SER D 132 25.63 -3.16 -10.28
N SER D 133 25.16 -1.99 -10.71
CA SER D 133 25.93 -0.76 -10.55
C SER D 133 25.93 -0.30 -9.10
N TYR D 134 26.64 -1.03 -8.25
CA TYR D 134 26.88 -0.60 -6.88
C TYR D 134 27.58 0.76 -6.91
N ASP D 135 27.47 1.51 -5.81
CA ASP D 135 28.16 2.77 -5.71
C ASP D 135 29.44 2.68 -4.89
N MET D 136 29.59 1.65 -4.05
CA MET D 136 30.75 1.53 -3.18
C MET D 136 31.05 0.05 -2.97
N TYR D 137 32.29 -0.24 -2.56
CA TYR D 137 32.73 -1.60 -2.26
C TYR D 137 33.52 -1.59 -0.97
N HIS D 138 33.63 -2.77 -0.34
CA HIS D 138 34.18 -2.87 1.01
C HIS D 138 34.92 -4.18 1.19
N LEU D 139 35.65 -4.27 2.32
CA LEU D 139 36.56 -5.37 2.61
C LEU D 139 36.51 -5.70 4.09
N SER D 140 37.07 -6.86 4.44
CA SER D 140 37.19 -7.24 5.84
C SER D 140 38.07 -8.48 5.98
N ARG D 141 38.51 -8.71 7.22
CA ARG D 141 39.26 -9.89 7.62
C ARG D 141 38.79 -10.29 9.01
N GLU D 142 39.30 -11.41 9.51
CA GLU D 142 38.87 -11.91 10.81
C GLU D 142 39.70 -11.31 11.94
N GLU D 147 37.25 -0.67 8.60
CA GLU D 147 37.56 -1.33 7.33
C GLU D 147 38.03 -0.32 6.28
N ARG D 148 37.79 -0.65 5.01
CA ARG D 148 38.30 0.11 3.88
C ARG D 148 37.27 0.09 2.75
N ARG D 149 37.25 1.16 1.96
CA ARG D 149 36.18 1.32 0.97
C ARG D 149 36.72 1.95 -0.30
N PHE D 150 35.92 1.82 -1.37
CA PHE D 150 36.23 2.39 -2.67
C PHE D 150 34.96 2.35 -3.53
N SER D 151 34.73 3.41 -4.28
CA SER D 151 33.51 3.57 -5.08
C SER D 151 33.77 3.13 -6.52
N ALA D 152 32.79 2.41 -7.09
CA ALA D 152 32.98 1.77 -8.38
C ALA D 152 33.04 2.80 -9.51
N GLY D 153 33.73 2.42 -10.59
CA GLY D 153 33.78 3.21 -11.80
C GLY D 153 33.47 2.35 -13.01
N PRO D 154 32.41 2.72 -13.73
CA PRO D 154 31.95 1.89 -14.86
C PRO D 154 32.97 1.80 -16.01
N LYS D 155 32.63 1.04 -17.04
CA LYS D 155 33.56 0.84 -18.15
C LYS D 155 32.77 0.46 -19.40
N VAL D 156 33.43 -0.21 -20.34
CA VAL D 156 32.93 -0.29 -21.71
C VAL D 156 32.04 -1.50 -21.96
N ASN D 157 32.24 -2.60 -21.23
CA ASN D 157 31.48 -3.82 -21.47
C ASN D 157 30.23 -3.91 -20.62
N GLY D 158 29.78 -2.80 -20.04
CA GLY D 158 28.55 -2.79 -19.26
C GLY D 158 28.70 -3.23 -17.83
N THR D 159 29.84 -2.97 -17.20
CA THR D 159 30.11 -3.35 -15.83
C THR D 159 30.67 -2.14 -15.07
N PHE D 160 30.67 -2.25 -13.75
CA PHE D 160 31.07 -1.19 -12.84
C PHE D 160 32.21 -1.68 -11.96
N GLN D 161 33.20 -0.82 -11.72
CA GLN D 161 34.45 -1.35 -11.16
C GLN D 161 35.15 -0.42 -10.19
N ALA D 162 35.66 -1.02 -9.10
CA ALA D 162 36.59 -0.42 -8.16
C ALA D 162 37.66 -1.43 -7.80
N ASP D 163 38.85 -0.93 -7.45
CA ASP D 163 39.99 -1.80 -7.20
C ASP D 163 40.90 -1.19 -6.14
N PHE D 164 41.33 -2.02 -5.18
CA PHE D 164 42.12 -1.55 -4.04
C PHE D 164 43.59 -1.80 -4.29
N PRO D 165 44.43 -0.77 -4.25
CA PRO D 165 45.88 -1.01 -4.33
C PRO D 165 46.42 -1.53 -3.00
N LEU D 166 47.48 -2.33 -3.09
CA LEU D 166 48.02 -2.99 -1.91
C LEU D 166 49.52 -3.25 -2.06
N ARG D 176 37.50 -11.01 0.53
CA ARG D 176 36.24 -10.61 1.13
C ARG D 176 35.86 -9.21 0.68
N CYS D 177 34.67 -9.08 0.10
CA CYS D 177 34.31 -7.80 -0.49
C CYS D 177 32.80 -7.61 -0.45
N PHE D 178 32.37 -6.35 -0.54
CA PHE D 178 30.97 -6.00 -0.41
C PHE D 178 30.63 -4.87 -1.36
N GLY D 179 29.34 -4.77 -1.69
CA GLY D 179 28.84 -3.64 -2.45
C GLY D 179 27.85 -2.83 -1.64
N SER D 180 27.65 -1.58 -2.04
CA SER D 180 26.72 -0.71 -1.33
C SER D 180 26.30 0.43 -2.26
N PHE D 181 25.21 1.09 -1.89
CA PHE D 181 24.69 2.20 -2.66
C PHE D 181 24.90 3.51 -1.91
N ARG D 182 24.99 4.59 -2.67
CA ARG D 182 25.48 5.86 -2.14
C ARG D 182 24.57 6.39 -1.02
N ASP D 183 23.26 6.27 -1.18
CA ASP D 183 22.34 6.84 -0.20
C ASP D 183 22.32 6.06 1.11
N SER D 184 22.82 4.83 1.12
CA SER D 184 22.80 3.99 2.31
C SER D 184 24.14 3.28 2.44
N PRO D 185 25.11 3.89 3.12
CA PRO D 185 26.44 3.28 3.24
C PRO D 185 26.54 2.33 4.41
N TYR D 186 25.40 1.92 4.97
CA TYR D 186 25.35 0.91 6.01
C TYR D 186 24.62 -0.35 5.57
N GLU D 187 24.00 -0.34 4.38
CA GLU D 187 23.32 -1.51 3.84
C GLU D 187 24.20 -2.08 2.73
N TRP D 188 24.81 -3.22 2.99
CA TRP D 188 25.78 -3.77 2.06
C TRP D 188 25.21 -5.00 1.36
N SER D 189 25.86 -5.35 0.24
CA SER D 189 25.43 -6.49 -0.55
C SER D 189 26.43 -7.54 -0.12
N ASN D 190 26.22 -8.78 -0.54
CA ASN D 190 26.42 -10.09 0.05
C ASN D 190 27.90 -10.44 0.11
N SER D 191 28.25 -11.21 1.13
CA SER D 191 29.62 -11.64 1.39
C SER D 191 30.17 -12.32 0.14
N SER D 192 31.06 -11.64 -0.57
CA SER D 192 31.57 -12.15 -1.83
C SER D 192 32.48 -13.35 -1.58
N ASP D 193 33.05 -13.88 -2.66
CA ASP D 193 33.88 -15.05 -2.57
C ASP D 193 35.09 -14.78 -1.67
N PRO D 194 35.34 -15.61 -0.68
CA PRO D 194 36.53 -15.43 0.17
C PRO D 194 37.82 -15.50 -0.63
N LEU D 195 38.86 -14.92 -0.05
CA LEU D 195 40.19 -14.88 -0.64
C LEU D 195 41.17 -14.40 0.43
#